data_6Q77
#
_entry.id   6Q77
#
_cell.length_a   51.518
_cell.length_b   51.518
_cell.length_c   97.905
_cell.angle_alpha   90.000
_cell.angle_beta   90.000
_cell.angle_gamma   90.000
#
_symmetry.space_group_name_H-M   'P 42 2 2'
#
loop_
_entity.id
_entity.type
_entity.pdbx_description
1 polymer 'Fucose-binding lectin'
2 polymer SB12
3 non-polymer 'CALCIUM ION'
4 non-polymer '3,7-anhydro-2,8-dideoxy-L-glycero-D-gluco-octonic acid'
5 water water
#
loop_
_entity_poly.entity_id
_entity_poly.type
_entity_poly.pdbx_seq_one_letter_code
_entity_poly.pdbx_strand_id
1 'polypeptide(L)'
;ATQGVFTLPANTRFGVTAFANSSGTQTVNVLVNNETAATFSGQSTNNAVIGTQVLNSGSSGKVQVQVSVNGRPSDLVSAQ
VILTNELNFALVGSEDGTDNDYNDAVVVINWPLG
;
A
2 'polypeptide(D)' (DLE)(DLY)(DAL)(DLE)(DLY)(DLY)(DLE)(DAL) B
#
# COMPACT_ATOMS: atom_id res chain seq x y z
N ALA A 1 -9.89 5.74 13.08
CA ALA A 1 -10.50 5.77 11.77
C ALA A 1 -9.90 4.70 10.85
N THR A 2 -10.69 4.31 9.85
CA THR A 2 -10.24 3.41 8.81
C THR A 2 -9.03 4.00 8.10
N GLN A 3 -8.02 3.16 7.88
CA GLN A 3 -6.83 3.55 7.13
C GLN A 3 -6.55 2.52 6.06
N GLY A 4 -5.85 2.96 5.01
CA GLY A 4 -5.43 2.06 3.94
C GLY A 4 -6.46 1.83 2.88
N VAL A 5 -7.56 2.59 2.88
CA VAL A 5 -8.65 2.45 1.91
C VAL A 5 -8.68 3.73 1.08
N PHE A 6 -8.66 3.58 -0.23
CA PHE A 6 -8.67 4.74 -1.12
C PHE A 6 -9.65 4.52 -2.27
N THR A 7 -10.34 5.60 -2.64
CA THR A 7 -11.23 5.58 -3.79
C THR A 7 -10.54 6.23 -4.97
N LEU A 8 -10.36 5.47 -6.04
CA LEU A 8 -9.79 5.96 -7.28
C LEU A 8 -10.87 6.07 -8.34
N PRO A 9 -10.71 6.97 -9.30
CA PRO A 9 -11.65 6.98 -10.43
C PRO A 9 -11.68 5.61 -11.07
N ALA A 10 -12.88 5.17 -11.44
CA ALA A 10 -13.11 3.78 -11.82
C ALA A 10 -12.43 3.45 -13.15
N ASN A 11 -12.05 2.18 -13.30
CA ASN A 11 -11.46 1.65 -14.52
C ASN A 11 -10.19 2.41 -14.91
N THR A 12 -9.44 2.85 -13.91
CA THR A 12 -8.21 3.59 -14.11
C THR A 12 -7.03 2.76 -13.61
N ARG A 13 -5.96 2.77 -14.37
CA ARG A 13 -4.77 2.04 -13.96
C ARG A 13 -4.02 2.79 -12.88
N PHE A 14 -3.32 2.05 -12.03
CA PHE A 14 -2.58 2.63 -10.94
C PHE A 14 -1.42 1.72 -10.59
N GLY A 15 -0.35 2.30 -10.06
CA GLY A 15 0.78 1.54 -9.57
C GLY A 15 0.69 1.38 -8.06
N VAL A 16 1.27 0.29 -7.57
CA VAL A 16 1.44 0.11 -6.14
C VAL A 16 2.80 -0.53 -5.92
N THR A 17 3.53 -0.03 -4.93
CA THR A 17 4.92 -0.37 -4.69
C THR A 17 5.13 -0.43 -3.18
N ALA A 18 5.85 -1.46 -2.72
CA ALA A 18 6.06 -1.65 -1.29
C ALA A 18 7.54 -1.69 -0.96
N PHE A 19 7.87 -1.16 0.21
CA PHE A 19 9.23 -1.14 0.74
C PHE A 19 9.21 -1.70 2.14
N ALA A 20 10.31 -2.33 2.55
CA ALA A 20 10.42 -2.94 3.86
C ALA A 20 11.51 -2.26 4.67
N ASN A 21 11.22 -2.03 5.97
CA ASN A 21 12.14 -1.47 6.95
C ASN A 21 11.77 -2.10 8.30
N SER A 22 12.15 -3.36 8.48
CA SER A 22 11.87 -4.02 9.74
C SER A 22 12.65 -5.33 9.76
N SER A 23 12.93 -5.80 10.98
CA SER A 23 13.54 -7.11 11.14
C SER A 23 12.55 -8.22 10.81
N GLY A 24 11.26 -7.96 11.02
CA GLY A 24 10.24 -8.92 10.65
C GLY A 24 9.99 -8.91 9.15
N THR A 25 9.57 -10.08 8.65
CA THR A 25 9.27 -10.24 7.24
C THR A 25 7.89 -9.65 6.95
N GLN A 26 7.82 -8.73 5.98
CA GLN A 26 6.59 -8.02 5.69
C GLN A 26 5.80 -8.71 4.58
N THR A 27 4.48 -8.79 4.78
CA THR A 27 3.55 -9.22 3.75
C THR A 27 2.51 -8.11 3.52
N VAL A 28 2.39 -7.67 2.26
CA VAL A 28 1.45 -6.65 1.83
C VAL A 28 0.46 -7.27 0.85
N ASN A 29 -0.84 -7.06 1.08
CA ASN A 29 -1.89 -7.48 0.16
C ASN A 29 -2.62 -6.25 -0.36
N VAL A 30 -3.07 -6.32 -1.61
CA VAL A 30 -3.81 -5.23 -2.23
C VAL A 30 -5.15 -5.76 -2.72
N LEU A 31 -6.24 -5.20 -2.19
CA LEU A 31 -7.60 -5.59 -2.54
C LEU A 31 -8.22 -4.53 -3.44
N VAL A 32 -8.59 -4.94 -4.65
CA VAL A 32 -9.29 -4.07 -5.59
C VAL A 32 -10.74 -4.56 -5.64
N ASN A 33 -11.66 -3.75 -5.12
CA ASN A 33 -13.08 -4.11 -5.02
C ASN A 33 -13.24 -5.35 -4.15
N ASN A 34 -12.52 -5.39 -3.04
CA ASN A 34 -12.64 -6.45 -2.03
C ASN A 34 -12.20 -7.81 -2.56
N GLU A 35 -11.31 -7.84 -3.55
CA GLU A 35 -10.74 -9.07 -4.09
C GLU A 35 -9.23 -8.92 -4.13
N THR A 36 -8.52 -9.92 -3.61
CA THR A 36 -7.06 -9.83 -3.55
C THR A 36 -6.47 -9.79 -4.95
N ALA A 37 -5.76 -8.71 -5.26
CA ALA A 37 -5.25 -8.50 -6.61
C ALA A 37 -3.74 -8.51 -6.72
N ALA A 38 -3.01 -8.21 -5.65
CA ALA A 38 -1.57 -8.38 -5.63
C ALA A 38 -1.12 -8.67 -4.22
N THR A 39 -0.02 -9.40 -4.08
CA THR A 39 0.58 -9.58 -2.77
C THR A 39 2.09 -9.60 -2.87
N PHE A 40 2.75 -8.89 -1.96
CA PHE A 40 4.21 -8.83 -1.90
C PHE A 40 4.69 -9.38 -0.56
N SER A 41 5.91 -9.94 -0.57
CA SER A 41 6.55 -10.28 0.70
C SER A 41 8.05 -10.15 0.56
N GLY A 42 8.70 -9.85 1.68
CA GLY A 42 10.14 -9.69 1.72
C GLY A 42 10.54 -9.18 3.08
N GLN A 43 11.85 -9.10 3.30
CA GLN A 43 12.41 -8.48 4.48
C GLN A 43 13.56 -7.57 4.07
N SER A 44 13.58 -6.38 4.66
CA SER A 44 14.71 -5.48 4.48
C SER A 44 14.75 -4.55 5.66
N THR A 45 15.96 -4.31 6.17
CA THR A 45 16.18 -3.17 7.04
C THR A 45 16.67 -1.96 6.26
N ASN A 46 16.61 -2.01 4.93
CA ASN A 46 17.22 -1.01 4.06
C ASN A 46 16.27 -0.56 2.96
N ASN A 47 14.97 -0.52 3.25
CA ASN A 47 14.00 0.10 2.33
C ASN A 47 13.92 -0.63 0.99
N ALA A 48 14.29 -1.91 0.94
CA ALA A 48 14.25 -2.62 -0.33
C ALA A 48 12.83 -2.74 -0.86
N VAL A 49 12.70 -2.69 -2.18
CA VAL A 49 11.39 -2.88 -2.81
C VAL A 49 11.04 -4.34 -2.72
N ILE A 50 9.92 -4.66 -2.08
CA ILE A 50 9.53 -6.06 -2.01
C ILE A 50 8.46 -6.39 -3.02
N GLY A 51 8.02 -5.43 -3.81
CA GLY A 51 7.06 -5.70 -4.85
C GLY A 51 6.57 -4.43 -5.51
N THR A 52 6.07 -4.57 -6.73
CA THR A 52 5.51 -3.46 -7.50
C THR A 52 4.63 -4.04 -8.60
N GLN A 53 3.53 -3.36 -8.90
CA GLN A 53 2.65 -3.87 -9.95
C GLN A 53 1.68 -2.78 -10.38
N VAL A 54 1.35 -2.79 -11.66
CA VAL A 54 0.28 -1.97 -12.21
C VAL A 54 -1.04 -2.72 -12.03
N LEU A 55 -2.07 -2.04 -11.53
CA LEU A 55 -3.39 -2.63 -11.42
C LEU A 55 -4.42 -1.72 -12.05
N ASN A 56 -5.67 -2.18 -12.07
CA ASN A 56 -6.81 -1.38 -12.52
C ASN A 56 -7.80 -1.22 -11.36
N SER A 57 -8.39 -0.02 -11.27
CA SER A 57 -9.32 0.30 -10.18
C SER A 57 -10.61 -0.51 -10.28
N GLY A 58 -11.02 -0.91 -11.49
CA GLY A 58 -12.26 -1.63 -11.66
C GLY A 58 -13.47 -0.72 -11.61
N SER A 59 -14.64 -1.35 -11.50
CA SER A 59 -15.90 -0.61 -11.46
C SER A 59 -16.07 0.18 -10.18
N SER A 60 -15.51 -0.32 -9.06
CA SER A 60 -15.70 0.34 -7.78
C SER A 60 -14.74 1.50 -7.58
N GLY A 61 -13.46 1.30 -7.91
CA GLY A 61 -12.43 2.23 -7.51
C GLY A 61 -11.92 2.02 -6.11
N LYS A 62 -12.54 1.12 -5.33
CA LYS A 62 -12.11 0.83 -3.97
C LYS A 62 -10.83 0.00 -3.99
N VAL A 63 -9.73 0.63 -3.59
CA VAL A 63 -8.45 -0.03 -3.38
C VAL A 63 -8.17 -0.03 -1.88
N GLN A 64 -7.75 -1.18 -1.36
CA GLN A 64 -7.38 -1.26 0.05
C GLN A 64 -6.08 -2.05 0.18
N VAL A 65 -5.13 -1.45 0.93
CA VAL A 65 -3.85 -2.06 1.26
C VAL A 65 -3.94 -2.70 2.64
N GLN A 66 -3.37 -3.91 2.78
CA GLN A 66 -3.25 -4.57 4.08
C GLN A 66 -1.79 -4.97 4.30
N VAL A 67 -1.37 -4.96 5.57
CA VAL A 67 -0.01 -5.36 5.95
C VAL A 67 -0.08 -6.27 7.16
N SER A 68 0.68 -7.38 7.12
CA SER A 68 0.84 -8.26 8.26
C SER A 68 2.28 -8.76 8.31
N VAL A 69 2.71 -9.19 9.50
CA VAL A 69 4.07 -9.67 9.71
C VAL A 69 4.00 -11.00 10.44
N ASN A 70 4.29 -12.09 9.73
CA ASN A 70 4.14 -13.43 10.27
C ASN A 70 2.71 -13.69 10.74
N GLY A 71 1.74 -13.04 10.10
CA GLY A 71 0.33 -13.22 10.39
C GLY A 71 -0.30 -12.10 11.19
N ARG A 72 0.50 -11.36 11.97
CA ARG A 72 -0.02 -10.31 12.84
C ARG A 72 -0.30 -9.04 12.05
N PRO A 73 -1.53 -8.55 11.98
CA PRO A 73 -1.82 -7.30 11.26
C PRO A 73 -1.00 -6.15 11.81
N SER A 74 -0.39 -5.39 10.92
CA SER A 74 0.28 -4.16 11.32
C SER A 74 -0.74 -3.03 11.44
N ASP A 75 -0.45 -2.07 12.31
CA ASP A 75 -1.26 -0.86 12.43
C ASP A 75 -0.94 0.09 11.28
N LEU A 76 -1.96 0.51 10.54
CA LEU A 76 -1.78 1.35 9.36
C LEU A 76 -2.02 2.84 9.63
N VAL A 77 -1.34 3.66 8.85
CA VAL A 77 -1.63 5.09 8.69
C VAL A 77 -1.61 5.35 7.20
N SER A 78 -2.45 6.27 6.76
CA SER A 78 -2.51 6.57 5.34
C SER A 78 -2.96 8.00 5.11
N ALA A 79 -2.67 8.50 3.91
CA ALA A 79 -3.30 9.71 3.39
C ALA A 79 -3.17 9.71 1.89
N GLN A 80 -4.04 10.47 1.23
CA GLN A 80 -3.95 10.72 -0.19
C GLN A 80 -3.56 12.17 -0.41
N VAL A 81 -2.72 12.40 -1.43
CA VAL A 81 -2.21 13.72 -1.77
C VAL A 81 -2.37 13.93 -3.27
N ILE A 82 -2.75 15.14 -3.67
CA ILE A 82 -2.92 15.48 -5.08
C ILE A 82 -2.11 16.74 -5.36
N LEU A 83 -1.22 16.65 -6.33
CA LEU A 83 -0.36 17.75 -6.74
C LEU A 83 -0.87 18.33 -8.04
N THR A 84 -0.87 19.67 -8.12
CA THR A 84 -1.27 20.41 -9.31
C THR A 84 -2.58 19.87 -9.88
N ASN A 85 -3.42 19.35 -8.98
CA ASN A 85 -4.81 18.99 -9.30
C ASN A 85 -4.86 17.90 -10.38
N GLU A 86 -3.91 16.96 -10.31
CA GLU A 86 -3.78 16.00 -11.40
C GLU A 86 -3.06 14.73 -10.99
N LEU A 87 -1.97 14.88 -10.24
CA LEU A 87 -1.10 13.76 -9.88
C LEU A 87 -1.46 13.29 -8.48
N ASN A 88 -1.82 12.01 -8.36
CA ASN A 88 -2.34 11.45 -7.13
C ASN A 88 -1.37 10.47 -6.51
N PHE A 89 -1.11 10.64 -5.21
CA PHE A 89 -0.41 9.64 -4.38
C PHE A 89 -1.32 9.20 -3.25
N ALA A 90 -1.48 7.89 -3.10
CA ALA A 90 -2.06 7.28 -1.90
C ALA A 90 -0.93 6.60 -1.13
N LEU A 91 -0.73 7.02 0.11
CA LEU A 91 0.41 6.62 0.91
C LEU A 91 -0.05 5.82 2.13
N VAL A 92 0.75 4.81 2.48
CA VAL A 92 0.49 3.91 3.60
C VAL A 92 1.80 3.63 4.33
N GLY A 93 1.78 3.81 5.65
CA GLY A 93 2.84 3.31 6.51
C GLY A 93 2.23 2.31 7.47
N SER A 94 3.11 1.54 8.12
CA SER A 94 2.62 0.50 9.01
C SER A 94 3.63 0.21 10.10
N GLU A 95 3.13 -0.23 11.25
CA GLU A 95 3.97 -0.51 12.41
C GLU A 95 3.67 -1.92 12.88
N ASP A 96 4.72 -2.75 12.95
CA ASP A 96 4.54 -4.13 13.39
C ASP A 96 4.94 -4.35 14.84
N GLY A 97 5.46 -3.32 15.50
CA GLY A 97 5.93 -3.51 16.86
C GLY A 97 5.68 -2.35 17.80
N THR A 98 6.75 -1.86 18.42
CA THR A 98 6.64 -0.92 19.53
C THR A 98 7.31 0.43 19.29
N ASP A 99 8.29 0.50 18.39
CA ASP A 99 9.08 1.72 18.20
C ASP A 99 8.33 2.79 17.41
N ASN A 100 7.17 2.45 16.85
CA ASN A 100 6.28 3.39 16.18
C ASN A 100 7.02 4.26 15.18
N ASP A 101 7.98 3.67 14.45
CA ASP A 101 8.47 4.42 13.30
C ASP A 101 7.50 4.31 12.12
N TYR A 102 6.60 3.33 12.12
CA TYR A 102 5.53 3.21 11.13
C TYR A 102 6.06 3.11 9.70
N ASN A 103 7.31 2.67 9.54
CA ASN A 103 7.91 2.43 8.22
C ASN A 103 8.20 0.96 7.97
N ASP A 104 7.68 0.06 8.81
CA ASP A 104 8.00 -1.36 8.72
C ASP A 104 7.71 -1.92 7.34
N ALA A 105 6.49 -1.71 6.84
CA ALA A 105 6.20 -1.81 5.41
C ALA A 105 5.62 -0.47 5.00
N VAL A 106 6.13 0.08 3.89
CA VAL A 106 5.70 1.35 3.34
C VAL A 106 5.15 1.10 1.95
N VAL A 107 3.92 1.58 1.69
CA VAL A 107 3.28 1.31 0.41
C VAL A 107 2.87 2.61 -0.26
N VAL A 108 3.09 2.68 -1.57
CA VAL A 108 2.84 3.89 -2.36
C VAL A 108 1.99 3.52 -3.55
N ILE A 109 0.85 4.15 -3.70
CA ILE A 109 -0.02 4.01 -4.85
C ILE A 109 -0.04 5.32 -5.62
N ASN A 110 0.06 5.25 -6.95
CA ASN A 110 0.13 6.48 -7.71
C ASN A 110 -0.67 6.34 -9.00
N TRP A 111 -1.22 7.47 -9.47
CA TRP A 111 -1.98 7.49 -10.71
C TRP A 111 -2.24 8.94 -11.07
N PRO A 112 -2.62 9.22 -12.32
CA PRO A 112 -2.78 8.37 -13.50
C PRO A 112 -1.45 7.77 -13.96
N LEU A 113 -1.49 6.77 -14.83
CA LEU A 113 -0.29 6.24 -15.44
C LEU A 113 -0.26 6.59 -16.92
N GLY A 114 0.75 6.07 -17.61
CA GLY A 114 0.86 6.28 -19.04
C GLY A 114 1.34 7.66 -19.43
#